data_7GUO
#
_entry.id   7GUO
#
_cell.length_a   67.540
_cell.length_b   67.540
_cell.length_c   166.210
_cell.angle_alpha   90.000
_cell.angle_beta   90.000
_cell.angle_gamma   120.000
#
_symmetry.space_group_name_H-M   'P 61 2 2'
#
loop_
_entity.id
_entity.type
_entity.pdbx_description
1 polymer 'B-cell lymphoma 6 protein'
2 polymer 'WVIP tetrapeptide'
3 non-polymer 5-[(5-chloranylpyrimidin-4-yl)amino]-1,3-dihydroindol-2-one
4 non-polymer 'CHLORIDE ION'
5 non-polymer 'DIMETHYL SULFOXIDE'
6 water water
#
loop_
_entity_poly.entity_id
_entity_poly.type
_entity_poly.pdbx_seq_one_letter_code
_entity_poly.pdbx_strand_id
1 'polypeptide(L)'
;GPGADSCIQFTRHASDVLLNLNRLRSRDILTDVVIVVSREQFRAHKTVLMACSGLFYSIFTDQLKCNLSVINLDPEINPE
GFCILLDFMYTSRLNLREGNIMAVMATAMYLQMEHVVDTCRKFIKASE
;
A
2 'polypeptide(L)' (ACE)WVIPA D
#
loop_
_chem_comp.id
_chem_comp.type
_chem_comp.name
_chem_comp.formula
7ZO non-polymer 5-[(5-chloranylpyrimidin-4-yl)amino]-1,3-dihydroindol-2-one 'C12 H9 Cl N4 O'
ACE non-polymer 'ACETYL GROUP' 'C2 H4 O'
CL non-polymer 'CHLORIDE ION' 'Cl -1'
DMS non-polymer 'DIMETHYL SULFOXIDE' 'C2 H6 O S'
#
# COMPACT_ATOMS: atom_id res chain seq x y z
N ASP A 5 6.33 5.61 29.86
CA ASP A 5 6.24 4.37 30.62
C ASP A 5 7.63 3.69 30.77
N SER A 6 7.64 2.48 31.36
CA SER A 6 8.86 1.67 31.54
C SER A 6 8.85 0.43 30.61
N CYS A 7 8.21 0.55 29.43
CA CYS A 7 8.12 -0.54 28.45
C CYS A 7 9.49 -0.94 27.87
N ILE A 8 9.61 -2.18 27.39
CA ILE A 8 10.74 -2.65 26.58
C ILE A 8 10.15 -2.71 25.17
N GLN A 9 10.99 -2.70 24.13
N GLN A 9 11.01 -2.59 24.15
CA GLN A 9 10.47 -2.72 22.77
CA GLN A 9 10.60 -2.59 22.75
C GLN A 9 11.17 -3.76 21.92
C GLN A 9 11.23 -3.75 22.00
N PHE A 10 10.40 -4.55 21.15
N PHE A 10 10.45 -4.35 21.11
CA PHE A 10 10.99 -5.54 20.25
CA PHE A 10 10.92 -5.43 20.24
C PHE A 10 11.20 -4.89 18.89
C PHE A 10 11.17 -4.78 18.89
N THR A 11 12.46 -4.55 18.57
CA THR A 11 12.86 -3.84 17.34
C THR A 11 12.23 -4.39 16.03
N ARG A 12 12.27 -5.71 15.83
N ARG A 12 12.27 -5.72 15.83
CA ARG A 12 11.77 -6.36 14.61
CA ARG A 12 11.77 -6.37 14.61
C ARG A 12 10.25 -6.62 14.57
C ARG A 12 10.26 -6.62 14.57
N HIS A 13 9.51 -6.27 15.64
CA HIS A 13 8.05 -6.55 15.72
C HIS A 13 7.24 -6.00 14.56
N ALA A 14 7.34 -4.69 14.26
CA ALA A 14 6.56 -4.07 13.17
C ALA A 14 6.85 -4.72 11.81
N SER A 15 8.12 -5.00 11.50
N SER A 15 8.13 -5.01 11.51
N SER A 15 8.12 -5.00 11.49
CA SER A 15 8.52 -5.63 10.25
CA SER A 15 8.55 -5.64 10.26
CA SER A 15 8.52 -5.64 10.24
C SER A 15 7.97 -7.06 10.17
C SER A 15 7.99 -7.07 10.16
C SER A 15 7.99 -7.07 10.15
N ASP A 16 8.01 -7.80 11.29
CA ASP A 16 7.49 -9.20 11.37
C ASP A 16 5.97 -9.19 11.16
N VAL A 17 5.26 -8.21 11.76
CA VAL A 17 3.81 -8.08 11.57
C VAL A 17 3.52 -7.87 10.07
N LEU A 18 4.21 -6.91 9.44
CA LEU A 18 3.96 -6.60 8.03
C LEU A 18 4.26 -7.81 7.12
N LEU A 19 5.34 -8.54 7.41
CA LEU A 19 5.72 -9.75 6.68
C LEU A 19 4.58 -10.78 6.78
N ASN A 20 4.03 -10.97 7.99
CA ASN A 20 2.90 -11.90 8.16
C ASN A 20 1.64 -11.44 7.45
N LEU A 21 1.38 -10.12 7.44
CA LEU A 21 0.22 -9.59 6.72
C LEU A 21 0.40 -9.85 5.24
N ASN A 22 1.65 -9.69 4.73
CA ASN A 22 1.89 -9.99 3.29
C ASN A 22 1.68 -11.49 2.98
N ARG A 23 2.08 -12.38 3.91
CA ARG A 23 1.87 -13.84 3.76
C ARG A 23 0.37 -14.15 3.72
N LEU A 24 -0.46 -13.46 4.53
CA LEU A 24 -1.91 -13.66 4.48
C LEU A 24 -2.42 -13.19 3.11
N ARG A 25 -1.93 -12.02 2.63
CA ARG A 25 -2.32 -11.54 1.30
C ARG A 25 -2.00 -12.56 0.19
N SER A 26 -0.78 -13.11 0.19
N SER A 26 -0.78 -13.11 0.18
N SER A 26 -0.77 -13.12 0.19
CA SER A 26 -0.31 -14.10 -0.81
CA SER A 26 -0.31 -14.08 -0.82
CA SER A 26 -0.28 -14.09 -0.79
C SER A 26 -1.22 -15.32 -0.85
C SER A 26 -1.15 -15.37 -0.84
C SER A 26 -1.11 -15.38 -0.82
N ARG A 27 -1.65 -15.78 0.34
CA ARG A 27 -2.50 -16.98 0.48
C ARG A 27 -4.00 -16.64 0.42
N ASP A 28 -4.33 -15.36 0.20
CA ASP A 28 -5.69 -14.83 0.09
C ASP A 28 -6.50 -15.09 1.39
N ILE A 29 -5.84 -14.96 2.54
CA ILE A 29 -6.45 -15.21 3.86
C ILE A 29 -6.97 -13.92 4.45
N LEU A 30 -8.29 -13.89 4.76
N LEU A 30 -8.29 -13.90 4.75
CA LEU A 30 -9.00 -12.77 5.39
CA LEU A 30 -9.03 -12.79 5.37
C LEU A 30 -8.97 -11.46 4.58
C LEU A 30 -8.97 -11.48 4.58
N THR A 31 -8.72 -11.56 3.27
CA THR A 31 -8.78 -10.38 2.38
C THR A 31 -10.27 -10.04 2.31
N ASP A 32 -10.60 -8.75 2.42
CA ASP A 32 -12.01 -8.36 2.53
C ASP A 32 -12.41 -7.34 1.50
N VAL A 33 -11.57 -7.12 0.49
CA VAL A 33 -11.91 -6.17 -0.58
C VAL A 33 -11.15 -6.49 -1.85
N VAL A 34 -11.76 -6.14 -2.98
N VAL A 34 -11.75 -6.16 -2.99
CA VAL A 34 -11.18 -6.22 -4.31
CA VAL A 34 -11.10 -6.25 -4.28
C VAL A 34 -11.04 -4.78 -4.81
C VAL A 34 -11.05 -4.84 -4.88
N ILE A 35 -9.84 -4.41 -5.26
CA ILE A 35 -9.61 -3.10 -5.85
C ILE A 35 -9.54 -3.35 -7.36
N VAL A 36 -10.43 -2.69 -8.11
CA VAL A 36 -10.52 -2.84 -9.57
C VAL A 36 -9.82 -1.65 -10.23
N VAL A 37 -8.82 -1.94 -11.08
CA VAL A 37 -8.02 -0.96 -11.81
C VAL A 37 -8.07 -1.39 -13.26
N SER A 38 -8.66 -0.57 -14.15
N SER A 38 -9.19 -0.92 -13.88
CA SER A 38 -8.70 -0.84 -15.60
CA SER A 38 -9.71 -1.18 -15.20
C SER A 38 -8.90 -2.36 -15.91
C SER A 38 -10.01 -2.67 -15.37
N ARG A 39 -9.91 -2.99 -15.25
N ARG A 39 -9.23 -3.43 -16.15
CA ARG A 39 -10.28 -4.40 -15.36
CA ARG A 39 -9.50 -4.86 -16.32
C ARG A 39 -9.18 -5.40 -14.88
C ARG A 39 -9.04 -5.67 -15.07
N GLU A 40 -8.33 -4.93 -13.95
N GLU A 40 -7.86 -5.34 -14.52
CA GLU A 40 -7.32 -5.74 -13.28
CA GLU A 40 -7.25 -6.05 -13.40
C GLU A 40 -7.75 -5.72 -11.82
C GLU A 40 -7.96 -5.87 -12.04
N GLN A 41 -7.83 -6.88 -11.19
CA GLN A 41 -8.38 -6.99 -9.84
C GLN A 41 -7.29 -7.34 -8.84
N PHE A 42 -7.29 -6.64 -7.69
CA PHE A 42 -6.28 -6.86 -6.65
C PHE A 42 -7.00 -7.08 -5.33
N ARG A 43 -6.76 -8.23 -4.68
CA ARG A 43 -7.38 -8.54 -3.39
C ARG A 43 -6.47 -7.99 -2.29
N ALA A 44 -7.05 -7.42 -1.22
CA ALA A 44 -6.23 -6.86 -0.14
C ALA A 44 -7.03 -6.83 1.16
N HIS A 45 -6.40 -6.33 2.22
CA HIS A 45 -7.02 -6.13 3.51
C HIS A 45 -7.30 -4.62 3.61
N LYS A 46 -8.56 -4.26 3.83
CA LYS A 46 -8.97 -2.86 4.03
C LYS A 46 -8.08 -2.14 5.05
N THR A 47 -7.80 -2.77 6.21
CA THR A 47 -6.99 -2.08 7.22
C THR A 47 -5.59 -1.73 6.75
N VAL A 48 -4.95 -2.63 5.99
CA VAL A 48 -3.59 -2.34 5.50
C VAL A 48 -3.66 -1.17 4.48
N LEU A 49 -4.67 -1.21 3.58
CA LEU A 49 -4.84 -0.13 2.58
C LEU A 49 -5.03 1.22 3.30
N MET A 50 -5.84 1.24 4.36
CA MET A 50 -6.09 2.47 5.14
C MET A 50 -4.83 2.94 5.83
N ALA A 51 -4.04 2.01 6.40
CA ALA A 51 -2.80 2.35 7.12
C ALA A 51 -1.73 2.98 6.20
N CYS A 52 -1.81 2.71 4.88
CA CYS A 52 -0.85 3.15 3.88
C CYS A 52 -1.26 4.31 2.99
N SER A 53 -2.57 4.54 2.84
CA SER A 53 -3.08 5.47 1.83
C SER A 53 -4.14 6.40 2.41
N GLY A 54 -3.96 7.70 2.20
CA GLY A 54 -4.93 8.72 2.60
C GLY A 54 -6.25 8.53 1.88
N LEU A 55 -6.17 8.07 0.60
CA LEU A 55 -7.40 7.82 -0.17
C LEU A 55 -8.20 6.65 0.44
N PHE A 56 -7.55 5.50 0.68
CA PHE A 56 -8.26 4.36 1.27
C PHE A 56 -8.70 4.63 2.68
N TYR A 57 -7.93 5.44 3.44
CA TYR A 57 -8.37 5.84 4.79
C TYR A 57 -9.73 6.56 4.71
N SER A 58 -9.86 7.54 3.78
N SER A 58 -9.85 7.53 3.78
CA SER A 58 -11.09 8.30 3.58
CA SER A 58 -11.06 8.31 3.56
C SER A 58 -12.25 7.42 3.09
C SER A 58 -12.22 7.40 3.12
N ILE A 59 -11.96 6.49 2.15
CA ILE A 59 -12.96 5.55 1.60
C ILE A 59 -13.52 4.63 2.67
N PHE A 60 -12.65 3.95 3.44
CA PHE A 60 -13.17 2.96 4.37
C PHE A 60 -13.62 3.54 5.71
N THR A 61 -13.49 4.87 5.94
CA THR A 61 -14.06 5.48 7.14
C THR A 61 -15.43 6.11 6.78
N ASP A 62 -15.79 6.03 5.49
CA ASP A 62 -17.09 6.53 5.05
C ASP A 62 -18.11 5.47 5.42
N GLN A 63 -19.19 5.87 6.11
CA GLN A 63 -20.25 5.00 6.62
C GLN A 63 -20.90 4.09 5.56
N LEU A 64 -20.96 4.51 4.27
CA LEU A 64 -21.52 3.65 3.21
C LEU A 64 -20.44 2.82 2.53
N LYS A 65 -19.29 3.43 2.21
CA LYS A 65 -18.24 2.74 1.47
C LYS A 65 -17.49 1.71 2.31
N CYS A 66 -17.46 1.88 3.65
CA CYS A 66 -16.76 0.94 4.55
C CYS A 66 -17.25 -0.51 4.38
N ASN A 67 -18.51 -0.67 3.88
CA ASN A 67 -19.21 -1.92 3.67
C ASN A 67 -19.11 -2.52 2.26
N LEU A 68 -18.44 -1.82 1.35
CA LEU A 68 -18.27 -2.30 -0.02
C LEU A 68 -17.18 -3.35 -0.08
N SER A 69 -17.40 -4.42 -0.89
CA SER A 69 -16.43 -5.50 -1.10
CA SER A 69 -16.41 -5.48 -1.08
C SER A 69 -15.62 -5.22 -2.37
N VAL A 70 -16.08 -4.27 -3.20
CA VAL A 70 -15.43 -3.89 -4.46
C VAL A 70 -15.26 -2.36 -4.52
N ILE A 71 -14.04 -1.90 -4.86
CA ILE A 71 -13.73 -0.48 -5.04
C ILE A 71 -13.15 -0.30 -6.43
N ASN A 72 -13.75 0.57 -7.25
CA ASN A 72 -13.26 0.86 -8.59
C ASN A 72 -12.43 2.13 -8.59
N LEU A 73 -11.17 2.04 -9.02
CA LEU A 73 -10.32 3.22 -9.11
C LEU A 73 -10.59 3.99 -10.41
N ASP A 74 -10.17 5.26 -10.44
CA ASP A 74 -10.33 6.16 -11.58
C ASP A 74 -9.72 5.48 -12.82
N PRO A 75 -10.40 5.49 -14.00
CA PRO A 75 -9.83 4.81 -15.18
C PRO A 75 -8.46 5.27 -15.64
N GLU A 76 -7.99 6.46 -15.20
CA GLU A 76 -6.66 6.94 -15.58
C GLU A 76 -5.56 6.18 -14.82
N ILE A 77 -5.93 5.45 -13.75
CA ILE A 77 -4.93 4.71 -12.95
C ILE A 77 -4.44 3.49 -13.70
N ASN A 78 -3.14 3.36 -13.78
CA ASN A 78 -2.43 2.29 -14.43
C ASN A 78 -2.35 1.06 -13.49
N PRO A 79 -2.77 -0.16 -13.94
CA PRO A 79 -2.69 -1.34 -13.05
C PRO A 79 -1.28 -1.68 -12.56
N GLU A 80 -0.25 -1.49 -13.40
CA GLU A 80 1.12 -1.80 -12.96
C GLU A 80 1.57 -0.86 -11.83
N GLY A 81 1.30 0.44 -11.98
CA GLY A 81 1.61 1.43 -10.93
C GLY A 81 0.89 1.06 -9.66
N PHE A 82 -0.39 0.62 -9.76
CA PHE A 82 -1.12 0.21 -8.57
C PHE A 82 -0.46 -1.02 -7.94
N CYS A 83 -0.16 -2.03 -8.75
CA CYS A 83 0.46 -3.28 -8.29
C CYS A 83 1.77 -3.01 -7.52
N ILE A 84 2.63 -2.11 -8.05
CA ILE A 84 3.91 -1.73 -7.43
C ILE A 84 3.64 -1.08 -6.06
N LEU A 85 2.63 -0.21 -6.00
CA LEU A 85 2.27 0.45 -4.75
C LEU A 85 1.66 -0.50 -3.74
N LEU A 86 0.83 -1.45 -4.21
CA LEU A 86 0.24 -2.45 -3.32
C LEU A 86 1.36 -3.30 -2.71
N ASP A 87 2.34 -3.70 -3.53
CA ASP A 87 3.49 -4.45 -3.04
C ASP A 87 4.25 -3.63 -1.99
N PHE A 88 4.47 -2.33 -2.23
CA PHE A 88 5.12 -1.44 -1.27
C PHE A 88 4.36 -1.40 0.07
N MET A 89 3.04 -1.28 0.00
CA MET A 89 2.22 -1.23 1.23
C MET A 89 2.50 -2.43 2.14
N TYR A 90 2.61 -3.63 1.54
CA TYR A 90 2.79 -4.87 2.27
C TYR A 90 4.23 -5.25 2.54
N THR A 91 5.20 -4.52 1.96
CA THR A 91 6.60 -4.94 2.14
C THR A 91 7.58 -3.84 2.53
N SER A 92 7.23 -2.57 2.35
CA SER A 92 8.13 -1.40 2.52
C SER A 92 9.10 -1.25 1.31
N ARG A 93 9.02 -2.16 0.33
N ARG A 93 9.07 -2.19 0.34
CA ARG A 93 9.89 -2.17 -0.85
CA ARG A 93 9.97 -2.12 -0.82
C ARG A 93 9.19 -1.59 -2.06
C ARG A 93 9.25 -1.64 -2.07
N LEU A 94 9.83 -0.61 -2.70
CA LEU A 94 9.26 0.05 -3.87
C LEU A 94 10.10 -0.27 -5.11
N ASN A 95 9.47 -0.94 -6.10
CA ASN A 95 10.14 -1.30 -7.36
C ASN A 95 10.09 -0.11 -8.32
N LEU A 96 10.89 0.92 -8.04
CA LEU A 96 10.88 2.16 -8.82
C LEU A 96 11.91 2.06 -9.94
N ARG A 97 11.45 2.25 -11.20
CA ARG A 97 12.31 2.14 -12.39
C ARG A 97 12.04 3.27 -13.36
N GLU A 98 13.02 3.61 -14.24
CA GLU A 98 12.82 4.67 -15.25
C GLU A 98 11.51 4.48 -16.02
N GLY A 99 11.21 3.23 -16.39
CA GLY A 99 10.02 2.87 -17.15
C GLY A 99 8.70 2.93 -16.41
N ASN A 100 8.72 3.02 -15.07
CA ASN A 100 7.44 3.04 -14.35
C ASN A 100 7.26 4.27 -13.44
N ILE A 101 8.32 5.08 -13.27
CA ILE A 101 8.32 6.19 -12.30
C ILE A 101 7.17 7.18 -12.49
N MET A 102 6.83 7.53 -13.73
CA MET A 102 5.72 8.46 -13.97
C MET A 102 4.39 7.87 -13.51
N ALA A 103 4.12 6.58 -13.84
CA ALA A 103 2.87 5.89 -13.45
C ALA A 103 2.81 5.73 -11.94
N VAL A 104 3.95 5.33 -11.34
CA VAL A 104 4.05 5.15 -9.88
C VAL A 104 3.76 6.46 -9.14
N MET A 105 4.38 7.58 -9.57
N MET A 105 4.39 7.57 -9.56
CA MET A 105 4.15 8.88 -8.92
CA MET A 105 4.16 8.88 -8.92
C MET A 105 2.70 9.33 -9.05
C MET A 105 2.70 9.33 -9.05
N ALA A 106 2.11 9.20 -10.26
CA ALA A 106 0.70 9.58 -10.49
C ALA A 106 -0.24 8.74 -9.63
N THR A 107 0.04 7.43 -9.51
CA THR A 107 -0.76 6.53 -8.67
C THR A 107 -0.59 6.92 -7.18
N ALA A 108 0.65 7.19 -6.72
CA ALA A 108 0.91 7.56 -5.32
C ALA A 108 0.22 8.90 -4.99
N MET A 109 0.16 9.84 -5.95
CA MET A 109 -0.52 11.11 -5.70
C MET A 109 -2.03 10.89 -5.51
N TYR A 110 -2.63 10.07 -6.36
CA TYR A 110 -4.05 9.73 -6.30
C TYR A 110 -4.37 8.97 -4.98
N LEU A 111 -3.51 8.00 -4.61
CA LEU A 111 -3.70 7.19 -3.39
C LEU A 111 -3.35 7.97 -2.11
N GLN A 112 -2.68 9.14 -2.27
CA GLN A 112 -2.22 9.97 -1.14
C GLN A 112 -1.23 9.20 -0.26
N MET A 113 -0.08 8.86 -0.86
CA MET A 113 1.03 8.12 -0.23
C MET A 113 2.22 9.07 -0.33
N GLU A 114 2.24 10.03 0.62
CA GLU A 114 3.17 11.16 0.60
C GLU A 114 4.65 10.82 0.54
N HIS A 115 5.10 9.76 1.25
CA HIS A 115 6.52 9.39 1.20
C HIS A 115 6.93 8.87 -0.17
N VAL A 116 6.04 8.10 -0.83
CA VAL A 116 6.30 7.61 -2.20
C VAL A 116 6.35 8.79 -3.18
N VAL A 117 5.38 9.72 -3.09
CA VAL A 117 5.37 10.93 -3.95
C VAL A 117 6.71 11.69 -3.81
N ASP A 118 7.11 12.03 -2.57
N ASP A 118 7.19 11.86 -2.57
CA ASP A 118 8.33 12.78 -2.26
CA ASP A 118 8.46 12.51 -2.24
C ASP A 118 9.60 12.22 -2.89
C ASP A 118 9.68 11.85 -2.92
N THR A 119 9.74 10.89 -2.89
N THR A 119 9.85 10.51 -2.79
CA THR A 119 10.90 10.19 -3.44
CA THR A 119 11.01 9.85 -3.42
C THR A 119 10.88 10.16 -4.95
C THR A 119 10.93 9.89 -4.96
N CYS A 120 9.71 9.86 -5.54
CA CYS A 120 9.53 9.90 -7.01
C CYS A 120 9.95 11.26 -7.52
N ARG A 121 9.49 12.34 -6.83
CA ARG A 121 9.86 13.73 -7.14
C ARG A 121 11.39 13.91 -7.16
N LYS A 122 12.07 13.37 -6.13
CA LYS A 122 13.54 13.44 -5.98
C LYS A 122 14.24 12.66 -7.08
N PHE A 123 13.78 11.43 -7.40
CA PHE A 123 14.37 10.59 -8.45
C PHE A 123 14.21 11.24 -9.84
N ILE A 124 13.06 11.91 -10.08
CA ILE A 124 12.81 12.63 -11.34
C ILE A 124 13.71 13.85 -11.47
N LYS A 125 13.87 14.64 -10.37
CA LYS A 125 14.71 15.85 -10.32
C LYS A 125 16.19 15.51 -10.59
N ALA A 126 16.65 14.32 -10.15
CA ALA A 126 18.02 13.86 -10.36
C ALA A 126 18.30 13.55 -11.85
N SER A 127 17.26 13.12 -12.60
CA SER A 127 17.38 12.78 -14.03
C SER A 127 17.30 13.98 -14.99
N GLU A 128 16.80 15.15 -14.52
CA GLU A 128 16.68 16.35 -15.36
C GLU A 128 18.00 17.10 -15.53
C ACE B 1 15.25 -7.05 20.64
O ACE B 1 14.50 -6.27 20.04
CH3 ACE B 1 16.09 -8.06 19.89
N TRP B 2 15.40 -7.03 21.96
N TRP B 2 15.38 -7.07 21.97
CA TRP B 2 14.65 -6.12 22.82
CA TRP B 2 14.67 -6.13 22.85
C TRP B 2 15.53 -4.95 23.24
C TRP B 2 15.56 -4.94 23.17
N VAL B 3 14.95 -3.75 23.34
CA VAL B 3 15.67 -2.51 23.67
C VAL B 3 14.85 -1.64 24.62
N ILE B 4 15.51 -0.63 25.19
CA ILE B 4 14.86 0.43 25.95
C ILE B 4 14.48 1.47 24.87
N PRO B 5 13.18 1.68 24.57
CA PRO B 5 12.81 2.64 23.51
C PRO B 5 13.10 4.10 23.88
N ALA B 6 13.28 4.96 22.86
C4 7ZO C . -5.31 5.98 10.93
C5 7ZO C . -4.49 8.05 10.64
C6 7ZO C . -1.69 7.89 5.13
C7 7ZO C . -2.23 9.16 4.96
C8 7ZO C . -3.53 7.31 6.58
C10 7ZO C . -4.37 6.65 8.85
C1 7ZO C . -3.39 9.54 5.64
C2 7ZO C . -4.02 8.61 6.46
C3 7ZO C . -2.32 6.97 5.95
C9 7ZO C . -4.97 5.65 9.63
C11 7ZO C . -0.35 9.19 3.68
C12 7ZO C . -0.42 7.82 4.32
N13 7ZO C . -5.08 7.18 11.46
N14 7ZO C . -4.12 7.86 9.37
N15 7ZO C . -1.43 9.90 4.09
N16 7ZO C . -3.96 6.40 7.57
O17 7ZO C . 0.54 9.60 2.93
CL1 7ZO C . -5.33 4.08 9.02
CL CL D . 4.01 6.49 1.56
S DMS E . 16.83 -4.46 28.06
O DMS E . 17.66 -3.43 27.48
C1 DMS E . 15.58 -4.72 26.82
C2 DMS E . 17.77 -5.93 27.83
#